data_7EUS
#
_entry.id   7EUS
#
_cell.length_a   42.427
_cell.length_b   147.916
_cell.length_c   54.163
_cell.angle_alpha   90.000
_cell.angle_beta   105.920
_cell.angle_gamma   90.000
#
_symmetry.space_group_name_H-M   'P 1 21 1'
#
loop_
_entity.id
_entity.type
_entity.pdbx_description
1 polymer '2-oxoglutarate (2-OG)-dependent dioxygenase'
2 non-polymer 'COPPER (II) ION'
3 non-polymer GLYCEROL
4 water water
#
_entity_poly.entity_id   1
_entity_poly.type   'polypeptide(L)'
_entity_poly.pdbx_seq_one_letter_code
;(MSE)TSTTTTTETLQEAVPFVAPPSPPEDVNNKELPEKPYYDVEFNYRLDPRDGGDEVIWGGTVGL(MSE)RRKYETRT
VRINNERGNEHNFNLDTHGFAWVKHKTSVTEFADYLAIRQGPYYGEVAE(MSE)LKRVTGATKVHVIGHLHRSLNYNDTT
EEEKNAPD(MSE)T(MSE)TKGQTPGRFVHVDQSYQGAVRRLYLDLPQEEARRLEKTRWAIINVWRPVRKVTNEPLAVCD
ARSVREDELFNTLHLVP(MSE)RWPDAAPQENQ(MSE)WAVAPPKTPTQHKWHYVSG(MSE)TEDEALLIK(MSE)FDSK
KDGTARRVPHSSFPTPDDFGEPRASTETRCFVFWEDQEAEALEHHHHHH
;
_entity_poly.pdbx_strand_id   A,B
#
loop_
_chem_comp.id
_chem_comp.type
_chem_comp.name
_chem_comp.formula
CU non-polymer 'COPPER (II) ION' 'Cu 2'
GOL non-polymer GLYCEROL 'C3 H8 O3'
#
# COMPACT_ATOMS: atom_id res chain seq x y z
N LYS A 35 -27.19 -25.78 18.13
CA LYS A 35 -26.01 -26.48 17.47
C LYS A 35 -24.71 -26.05 18.12
N PRO A 36 -23.83 -27.00 18.50
CA PRO A 36 -22.63 -26.67 19.29
C PRO A 36 -21.48 -25.99 18.50
N TYR A 37 -21.39 -26.26 17.21
CA TYR A 37 -20.33 -25.68 16.34
C TYR A 37 -20.72 -25.85 14.87
N TYR A 38 -20.10 -25.08 13.98
CA TYR A 38 -20.09 -25.39 12.52
C TYR A 38 -18.64 -25.56 12.07
N ASP A 39 -18.46 -26.33 11.01
CA ASP A 39 -17.24 -26.42 10.18
C ASP A 39 -17.55 -25.73 8.85
N VAL A 40 -16.90 -24.61 8.54
CA VAL A 40 -17.24 -23.78 7.35
C VAL A 40 -15.95 -23.36 6.66
N GLU A 41 -16.04 -23.06 5.36
CA GLU A 41 -14.88 -22.52 4.61
C GLU A 41 -14.67 -21.06 5.01
N PHE A 42 -13.43 -20.72 5.35
CA PHE A 42 -12.98 -19.34 5.64
C PHE A 42 -11.96 -18.90 4.57
N ASN A 43 -11.98 -17.61 4.27
CA ASN A 43 -11.10 -16.97 3.27
C ASN A 43 -9.89 -16.42 4.01
N TYR A 44 -8.73 -17.02 3.76
CA TYR A 44 -7.41 -16.64 4.30
C TYR A 44 -6.52 -16.13 3.18
N ARG A 45 -5.34 -15.68 3.57
CA ARG A 45 -4.43 -14.94 2.70
C ARG A 45 -3.90 -15.89 1.61
N LEU A 46 -4.02 -15.48 0.36
CA LEU A 46 -3.30 -16.10 -0.77
C LEU A 46 -1.99 -15.35 -0.94
N ASP A 47 -0.86 -16.01 -0.78
CA ASP A 47 0.49 -15.40 -0.93
C ASP A 47 0.65 -14.90 -2.36
N PRO A 48 1.14 -13.64 -2.55
CA PRO A 48 1.48 -13.09 -3.86
C PRO A 48 2.28 -14.00 -4.79
N ARG A 49 3.19 -14.82 -4.28
CA ARG A 49 3.95 -15.75 -5.15
C ARG A 49 3.01 -16.80 -5.76
N ASP A 50 1.78 -16.94 -5.26
CA ASP A 50 0.76 -17.86 -5.86
C ASP A 50 -0.39 -17.04 -6.46
N GLY A 51 -0.14 -15.76 -6.74
CA GLY A 51 -1.07 -14.91 -7.50
C GLY A 51 -1.97 -14.08 -6.58
N GLY A 52 -1.75 -14.10 -5.26
CA GLY A 52 -2.40 -13.21 -4.29
C GLY A 52 -2.26 -11.72 -4.64
N ASP A 53 -3.27 -10.90 -4.37
CA ASP A 53 -3.21 -9.41 -4.56
C ASP A 53 -2.54 -8.79 -3.33
N GLU A 54 -1.93 -7.60 -3.48
CA GLU A 54 -1.37 -6.83 -2.34
C GLU A 54 -2.49 -6.02 -1.66
N VAL A 55 -3.57 -5.69 -2.38
CA VAL A 55 -4.57 -4.69 -1.91
C VAL A 55 -5.92 -5.32 -1.64
N ILE A 56 -6.55 -4.98 -0.53
CA ILE A 56 -7.99 -5.23 -0.27
C ILE A 56 -8.77 -4.01 -0.76
N TRP A 57 -9.52 -4.16 -1.87
CA TRP A 57 -10.40 -3.10 -2.44
C TRP A 57 -11.75 -3.19 -1.73
N GLY A 58 -11.76 -2.78 -0.45
CA GLY A 58 -12.93 -2.82 0.43
C GLY A 58 -14.08 -2.09 -0.18
N GLY A 59 -15.29 -2.68 -0.15
CA GLY A 59 -16.55 -2.05 -0.57
C GLY A 59 -16.90 -2.32 -2.03
N THR A 60 -15.98 -2.94 -2.78
CA THR A 60 -16.09 -3.11 -4.24
C THR A 60 -16.62 -4.50 -4.58
N VAL A 61 -17.22 -4.61 -5.78
CA VAL A 61 -17.74 -5.89 -6.35
C VAL A 61 -16.54 -6.84 -6.57
N GLY A 62 -15.39 -6.29 -6.99
CA GLY A 62 -14.15 -7.03 -7.26
C GLY A 62 -13.70 -7.85 -6.06
N LEU A 63 -13.81 -7.30 -4.85
CA LEU A 63 -13.38 -8.01 -3.61
C LEU A 63 -14.20 -9.29 -3.45
N MSE A 64 -15.42 -9.28 -3.95
CA MSE A 64 -16.27 -10.47 -3.91
C MSE A 64 -15.85 -11.49 -4.96
O MSE A 64 -16.35 -12.60 -4.95
CB MSE A 64 -17.73 -10.08 -4.13
CG MSE A 64 -18.24 -9.13 -3.10
SE MSE A 64 -20.08 -8.70 -3.53
CE MSE A 64 -21.07 -10.35 -3.26
N ARG A 65 -14.96 -11.11 -5.88
CA ARG A 65 -14.39 -12.04 -6.84
C ARG A 65 -12.92 -12.31 -6.51
N ARG A 66 -12.44 -11.87 -5.34
CA ARG A 66 -11.01 -12.02 -4.94
C ARG A 66 -10.69 -13.50 -4.67
N LYS A 67 -9.54 -14.02 -5.11
N LYS A 67 -9.49 -13.93 -5.04
CA LYS A 67 -9.11 -15.42 -4.84
CA LYS A 67 -9.02 -15.33 -4.84
C LYS A 67 -8.40 -15.45 -3.48
C LYS A 67 -8.39 -15.42 -3.45
N TYR A 68 -8.62 -16.53 -2.74
CA TYR A 68 -8.10 -16.70 -1.37
C TYR A 68 -7.53 -18.10 -1.17
N GLU A 69 -6.77 -18.28 -0.10
CA GLU A 69 -6.51 -19.63 0.47
C GLU A 69 -7.69 -20.00 1.37
N THR A 70 -8.64 -20.80 0.85
CA THR A 70 -9.81 -21.30 1.59
C THR A 70 -9.37 -22.48 2.47
N ARG A 71 -9.71 -22.46 3.75
CA ARG A 71 -9.56 -23.62 4.66
C ARG A 71 -10.89 -23.79 5.40
N THR A 72 -11.38 -25.02 5.51
CA THR A 72 -12.47 -25.38 6.46
C THR A 72 -11.93 -25.14 7.86
N VAL A 73 -12.68 -24.45 8.71
CA VAL A 73 -12.34 -24.25 10.15
C VAL A 73 -13.59 -24.54 10.98
N ARG A 74 -13.39 -25.01 12.21
CA ARG A 74 -14.46 -25.23 13.19
C ARG A 74 -14.78 -23.91 13.90
N ILE A 75 -16.06 -23.52 13.92
CA ILE A 75 -16.49 -22.33 14.69
C ILE A 75 -17.38 -22.82 15.83
N ASN A 76 -16.92 -22.62 17.06
CA ASN A 76 -17.61 -23.07 18.31
C ASN A 76 -18.66 -22.03 18.68
N ASN A 77 -19.89 -22.47 18.91
CA ASN A 77 -21.01 -21.63 19.38
C ASN A 77 -20.83 -21.40 20.87
N GLU A 78 -20.82 -20.14 21.31
CA GLU A 78 -20.58 -19.81 22.74
C GLU A 78 -21.87 -19.32 23.39
N ARG A 79 -23.05 -19.54 22.79
CA ARG A 79 -24.29 -19.20 23.51
C ARG A 79 -24.35 -20.04 24.79
N GLY A 80 -24.54 -19.40 25.94
CA GLY A 80 -24.53 -20.04 27.27
C GLY A 80 -23.14 -20.03 27.91
N ASN A 81 -22.09 -19.60 27.19
CA ASN A 81 -20.70 -19.71 27.69
C ASN A 81 -19.90 -18.42 27.42
N GLU A 82 -20.60 -17.30 27.17
CA GLU A 82 -20.05 -15.95 26.86
C GLU A 82 -19.08 -15.45 27.95
N HIS A 83 -19.48 -15.62 29.21
CA HIS A 83 -18.75 -15.16 30.44
C HIS A 83 -17.32 -15.73 30.48
N ASN A 84 -17.01 -16.82 29.76
CA ASN A 84 -15.65 -17.39 29.76
C ASN A 84 -14.75 -16.71 28.73
N PHE A 85 -15.18 -15.62 28.09
CA PHE A 85 -14.36 -14.86 27.11
C PHE A 85 -14.22 -13.41 27.58
N ASN A 86 -13.05 -12.81 27.40
CA ASN A 86 -12.77 -11.43 27.88
C ASN A 86 -11.68 -10.80 26.99
N LEU A 87 -11.58 -9.49 27.02
CA LEU A 87 -10.70 -8.68 26.14
C LEU A 87 -9.21 -8.90 26.46
N ASP A 88 -8.87 -9.26 27.71
CA ASP A 88 -7.45 -9.43 28.14
C ASP A 88 -6.88 -10.76 27.60
N THR A 89 -7.63 -11.86 27.63
CA THR A 89 -7.14 -13.22 27.27
C THR A 89 -7.40 -13.52 25.78
N HIS A 90 -8.66 -13.46 25.36
CA HIS A 90 -9.08 -13.86 23.99
C HIS A 90 -9.06 -12.67 23.05
N GLY A 91 -9.34 -11.47 23.60
CA GLY A 91 -9.38 -10.20 22.85
C GLY A 91 -10.80 -9.79 22.46
N PHE A 92 -11.83 -10.45 23.01
CA PHE A 92 -13.25 -10.16 22.67
C PHE A 92 -14.17 -10.57 23.82
N ALA A 93 -15.38 -10.02 23.82
CA ALA A 93 -16.37 -10.22 24.91
C ALA A 93 -17.76 -9.93 24.36
N TRP A 94 -18.76 -10.76 24.71
CA TRP A 94 -20.19 -10.54 24.42
C TRP A 94 -20.83 -9.93 25.66
N VAL A 95 -21.49 -8.79 25.52
CA VAL A 95 -22.16 -8.13 26.67
C VAL A 95 -23.66 -7.98 26.39
N LYS A 96 -24.44 -7.87 27.47
CA LYS A 96 -25.84 -7.34 27.50
C LYS A 96 -25.78 -5.81 27.43
N HIS A 97 -26.34 -5.22 26.40
CA HIS A 97 -26.37 -3.74 26.29
C HIS A 97 -27.42 -3.31 25.27
N LYS A 98 -28.38 -2.50 25.71
CA LYS A 98 -29.44 -1.96 24.83
C LYS A 98 -29.00 -0.63 24.24
N THR A 99 -29.59 -0.31 23.10
CA THR A 99 -29.45 0.98 22.38
C THR A 99 -30.86 1.50 22.12
N SER A 100 -31.03 2.81 22.19
CA SER A 100 -32.33 3.44 21.88
C SER A 100 -32.44 3.67 20.36
N VAL A 101 -31.40 3.31 19.58
CA VAL A 101 -31.34 3.59 18.11
C VAL A 101 -31.76 2.33 17.35
N THR A 102 -32.69 2.46 16.39
CA THR A 102 -33.19 1.35 15.54
C THR A 102 -33.00 1.64 14.04
N GLU A 103 -32.65 2.87 13.66
CA GLU A 103 -32.53 3.32 12.25
C GLU A 103 -31.06 3.62 11.92
N PHE A 104 -30.35 2.70 11.29
CA PHE A 104 -28.87 2.76 11.11
C PHE A 104 -28.50 3.14 9.66
N ALA A 105 -29.50 3.38 8.81
CA ALA A 105 -29.31 3.64 7.35
C ALA A 105 -28.69 5.03 7.14
N ASP A 106 -29.06 6.02 7.96
CA ASP A 106 -28.60 7.43 7.77
C ASP A 106 -27.32 7.62 8.59
N TYR A 107 -26.17 7.72 7.92
CA TYR A 107 -24.83 7.86 8.53
C TYR A 107 -24.76 9.11 9.44
N LEU A 108 -25.08 10.27 8.89
CA LEU A 108 -25.13 11.56 9.62
C LEU A 108 -26.04 11.46 10.87
N ALA A 109 -27.28 10.94 10.71
CA ALA A 109 -28.26 10.80 11.81
C ALA A 109 -27.68 9.93 12.95
N ILE A 110 -27.01 8.81 12.64
CA ILE A 110 -26.28 7.99 13.66
C ILE A 110 -25.25 8.88 14.38
N ARG A 111 -24.47 9.63 13.61
CA ARG A 111 -23.33 10.45 14.12
C ARG A 111 -23.83 11.58 15.02
N GLN A 112 -25.02 12.12 14.78
CA GLN A 112 -25.58 13.30 15.53
C GLN A 112 -26.45 12.84 16.71
N GLY A 113 -26.82 11.56 16.78
CA GLY A 113 -27.68 11.03 17.83
C GLY A 113 -26.89 10.51 19.04
N PRO A 114 -27.58 9.75 19.91
CA PRO A 114 -26.98 9.21 21.12
C PRO A 114 -26.09 7.97 20.98
N TYR A 115 -26.01 7.33 19.80
CA TYR A 115 -25.36 5.99 19.69
C TYR A 115 -23.92 6.06 20.23
N TYR A 116 -23.11 6.99 19.73
CA TYR A 116 -21.66 7.07 20.05
C TYR A 116 -21.45 7.21 21.57
N GLY A 117 -22.17 8.13 22.21
CA GLY A 117 -22.17 8.33 23.67
C GLY A 117 -22.59 7.06 24.42
N GLU A 118 -23.59 6.34 23.92
CA GLU A 118 -24.02 5.03 24.50
C GLU A 118 -22.83 4.06 24.50
N VAL A 119 -22.15 3.97 23.37
CA VAL A 119 -21.09 2.95 23.16
C VAL A 119 -19.92 3.33 24.06
N ALA A 120 -19.54 4.61 24.08
CA ALA A 120 -18.44 5.17 24.90
C ALA A 120 -18.67 4.86 26.38
N GLU A 121 -19.88 5.12 26.90
CA GLU A 121 -20.19 4.91 28.34
C GLU A 121 -20.04 3.42 28.65
N MSE A 122 -20.62 2.56 27.80
CA MSE A 122 -20.55 1.13 28.01
C MSE A 122 -19.09 0.65 27.97
O MSE A 122 -18.64 -0.12 28.84
CB MSE A 122 -21.42 0.45 26.94
CG MSE A 122 -21.47 -1.04 27.03
SE MSE A 122 -19.98 -1.90 25.99
CE MSE A 122 -20.93 -2.15 24.29
N LEU A 123 -18.35 1.08 26.96
CA LEU A 123 -17.01 0.54 26.72
C LEU A 123 -16.08 1.06 27.81
N LYS A 124 -16.25 2.31 28.24
CA LYS A 124 -15.48 2.85 29.38
C LYS A 124 -15.68 1.93 30.60
N ARG A 125 -16.92 1.55 30.88
CA ARG A 125 -17.26 0.74 32.08
C ARG A 125 -16.70 -0.68 31.93
N VAL A 126 -16.73 -1.31 30.75
CA VAL A 126 -16.27 -2.75 30.63
C VAL A 126 -14.74 -2.81 30.68
N THR A 127 -14.05 -1.80 30.15
CA THR A 127 -12.56 -1.80 30.01
C THR A 127 -11.89 -1.17 31.24
N GLY A 128 -12.63 -0.50 32.12
CA GLY A 128 -12.00 0.30 33.19
C GLY A 128 -11.14 1.43 32.62
N ALA A 129 -11.46 1.89 31.42
CA ALA A 129 -10.67 2.95 30.76
C ALA A 129 -10.86 4.35 31.38
N THR A 130 -9.89 5.25 31.14
CA THR A 130 -9.96 6.65 31.62
C THR A 130 -10.59 7.52 30.54
N LYS A 131 -10.53 7.09 29.29
CA LYS A 131 -11.09 7.90 28.18
C LYS A 131 -11.46 6.99 27.01
N VAL A 132 -12.58 7.29 26.37
CA VAL A 132 -13.06 6.52 25.19
C VAL A 132 -13.50 7.52 24.13
N HIS A 133 -12.92 7.43 22.93
CA HIS A 133 -13.23 8.28 21.76
C HIS A 133 -13.87 7.35 20.74
N VAL A 134 -15.12 7.60 20.39
CA VAL A 134 -15.86 6.82 19.37
C VAL A 134 -15.75 7.64 18.07
N ILE A 135 -15.15 7.06 17.04
CA ILE A 135 -14.69 7.83 15.85
C ILE A 135 -15.73 7.70 14.74
N GLY A 136 -16.17 6.47 14.46
CA GLY A 136 -17.03 6.14 13.32
C GLY A 136 -17.62 4.76 13.39
N HIS A 137 -18.48 4.47 12.43
CA HIS A 137 -19.15 3.16 12.34
C HIS A 137 -19.31 2.82 10.86
N LEU A 138 -19.57 1.55 10.61
CA LEU A 138 -19.94 1.01 9.29
C LEU A 138 -21.24 0.23 9.46
N HIS A 139 -22.25 0.52 8.63
CA HIS A 139 -23.49 -0.26 8.55
C HIS A 139 -23.34 -1.33 7.46
N ARG A 140 -23.65 -2.57 7.82
CA ARG A 140 -23.72 -3.78 6.96
C ARG A 140 -25.20 -4.18 6.83
N SER A 141 -25.78 -4.42 5.56
CA SER A 141 -27.16 -4.93 5.42
C SER A 141 -27.35 -5.80 4.17
N LEU A 142 -26.34 -5.97 3.32
CA LEU A 142 -26.50 -6.76 2.07
C LEU A 142 -26.19 -8.24 2.34
N ASN A 143 -27.03 -9.09 1.77
CA ASN A 143 -26.80 -10.55 1.67
C ASN A 143 -25.64 -10.76 0.68
N TYR A 144 -24.68 -11.61 1.04
CA TYR A 144 -23.46 -11.85 0.24
C TYR A 144 -23.88 -12.57 -1.06
N ASN A 145 -24.61 -13.68 -0.95
CA ASN A 145 -25.05 -14.48 -2.12
C ASN A 145 -25.87 -13.59 -3.06
N ASP A 146 -26.87 -12.86 -2.54
CA ASP A 146 -27.79 -12.08 -3.40
C ASP A 146 -26.99 -10.99 -4.12
N THR A 147 -26.02 -10.35 -3.47
CA THR A 147 -25.25 -9.24 -4.05
C THR A 147 -24.33 -9.78 -5.16
N THR A 148 -23.68 -10.93 -4.92
CA THR A 148 -22.92 -11.68 -5.95
C THR A 148 -23.79 -11.75 -7.23
N GLU A 149 -25.03 -12.23 -7.11
CA GLU A 149 -25.98 -12.47 -8.24
C GLU A 149 -26.40 -11.13 -8.87
N GLU A 150 -26.64 -10.11 -8.04
CA GLU A 150 -27.07 -8.76 -8.50
C GLU A 150 -25.97 -8.03 -9.28
N GLU A 151 -24.70 -8.24 -8.97
CA GLU A 151 -23.59 -7.33 -9.38
C GLU A 151 -22.67 -8.03 -10.38
N LYS A 152 -23.18 -9.04 -11.07
CA LYS A 152 -22.44 -9.93 -12.00
C LYS A 152 -21.85 -9.13 -13.17
N ASN A 153 -22.54 -8.09 -13.63
CA ASN A 153 -22.15 -7.26 -14.81
C ASN A 153 -21.45 -5.99 -14.34
N ALA A 154 -21.30 -5.79 -13.02
CA ALA A 154 -20.66 -4.58 -12.43
C ALA A 154 -19.15 -4.68 -12.60
N PRO A 155 -18.47 -3.61 -13.06
CA PRO A 155 -17.01 -3.57 -13.08
C PRO A 155 -16.42 -3.82 -11.68
N ASP A 156 -15.19 -4.35 -11.60
CA ASP A 156 -14.49 -4.71 -10.33
C ASP A 156 -14.52 -3.56 -9.34
N MSE A 157 -14.20 -2.32 -9.77
CA MSE A 157 -13.94 -1.24 -8.82
C MSE A 157 -15.22 -0.48 -8.46
O MSE A 157 -15.16 0.46 -7.66
CB MSE A 157 -12.88 -0.28 -9.37
CG MSE A 157 -11.54 -0.91 -9.58
SE MSE A 157 -10.71 -1.48 -7.92
CE MSE A 157 -10.96 -3.43 -7.97
N THR A 158 -16.38 -0.89 -9.03
CA THR A 158 -17.69 -0.38 -8.65
C THR A 158 -18.00 -0.78 -7.20
N MSE A 159 -18.64 0.12 -6.47
CA MSE A 159 -18.98 -0.12 -5.08
C MSE A 159 -20.38 -0.70 -5.01
O MSE A 159 -21.25 -0.34 -5.80
CB MSE A 159 -18.80 1.18 -4.29
CG MSE A 159 -17.34 1.52 -4.13
SE MSE A 159 -17.06 2.82 -2.70
CE MSE A 159 -17.19 1.87 -0.97
N THR A 160 -20.58 -1.63 -4.06
CA THR A 160 -21.89 -2.21 -3.80
C THR A 160 -22.82 -1.14 -3.23
N LYS A 161 -24.15 -1.34 -3.33
CA LYS A 161 -25.18 -0.35 -2.88
C LYS A 161 -25.45 -0.60 -1.39
N GLY A 162 -24.50 -0.19 -0.56
CA GLY A 162 -24.39 -0.61 0.85
C GLY A 162 -23.31 -1.65 0.97
N GLN A 163 -23.30 -2.39 2.08
CA GLN A 163 -22.15 -3.22 2.49
C GLN A 163 -22.58 -4.65 2.80
N THR A 164 -21.81 -5.54 2.21
CA THR A 164 -21.74 -7.00 2.39
C THR A 164 -21.15 -7.31 3.76
N PRO A 165 -21.41 -8.52 4.30
CA PRO A 165 -20.60 -9.05 5.39
C PRO A 165 -19.12 -9.18 4.96
N GLY A 166 -18.25 -8.93 5.92
CA GLY A 166 -16.79 -9.04 5.84
C GLY A 166 -16.37 -10.49 5.84
N ARG A 167 -16.55 -11.17 4.72
CA ARG A 167 -16.26 -12.62 4.60
C ARG A 167 -14.80 -12.84 4.15
N PHE A 168 -13.84 -12.42 4.98
CA PHE A 168 -12.41 -12.78 4.90
C PHE A 168 -11.77 -12.50 6.26
N VAL A 169 -10.70 -13.21 6.53
CA VAL A 169 -10.07 -13.21 7.87
C VAL A 169 -9.14 -12.01 7.90
N HIS A 170 -9.35 -11.10 8.83
CA HIS A 170 -8.52 -9.87 8.88
C HIS A 170 -8.55 -9.34 10.30
N VAL A 171 -7.65 -8.44 10.60
CA VAL A 171 -7.81 -7.47 11.71
C VAL A 171 -7.83 -6.11 11.05
N ASP A 172 -8.69 -5.20 11.52
CA ASP A 172 -8.98 -3.90 10.88
C ASP A 172 -7.72 -3.05 10.83
N GLN A 173 -6.87 -3.15 11.86
CA GLN A 173 -5.60 -2.41 11.96
C GLN A 173 -4.46 -3.38 12.28
N SER A 174 -3.42 -3.33 11.47
CA SER A 174 -2.02 -3.67 11.82
C SER A 174 -1.60 -2.87 13.05
N TYR A 175 -0.42 -3.20 13.57
CA TYR A 175 0.26 -2.40 14.62
C TYR A 175 0.58 -1.03 14.03
N GLN A 176 1.10 -0.98 12.80
CA GLN A 176 1.37 0.29 12.05
C GLN A 176 0.04 0.94 11.70
N GLY A 177 -0.94 0.16 11.23
CA GLY A 177 -2.29 0.65 10.91
C GLY A 177 -2.93 1.34 12.10
N ALA A 178 -2.75 0.78 13.30
CA ALA A 178 -3.33 1.30 14.56
C ALA A 178 -2.76 2.71 14.81
N VAL A 179 -1.46 2.89 14.58
CA VAL A 179 -0.72 4.16 14.89
C VAL A 179 -1.14 5.21 13.85
N ARG A 180 -1.22 4.84 12.57
CA ARG A 180 -1.76 5.71 11.52
C ARG A 180 -3.15 6.21 11.98
N ARG A 181 -4.06 5.30 12.35
CA ARG A 181 -5.46 5.65 12.69
C ARG A 181 -5.49 6.60 13.87
N LEU A 182 -4.61 6.43 14.86
CA LEU A 182 -4.55 7.34 16.04
C LEU A 182 -4.33 8.78 15.58
N TYR A 183 -3.26 9.01 14.79
CA TYR A 183 -2.75 10.35 14.41
C TYR A 183 -3.64 10.98 13.32
N LEU A 184 -4.55 10.21 12.72
CA LEU A 184 -5.51 10.75 11.71
C LEU A 184 -6.91 11.01 12.33
N ASP A 185 -7.32 10.24 13.35
CA ASP A 185 -8.69 10.32 13.94
C ASP A 185 -8.71 11.20 15.18
N LEU A 186 -7.56 11.40 15.84
CA LEU A 186 -7.37 12.36 16.97
C LEU A 186 -6.56 13.55 16.47
N PRO A 187 -6.78 14.76 17.04
CA PRO A 187 -5.83 15.86 16.91
C PRO A 187 -4.42 15.38 17.28
N GLN A 188 -3.45 15.77 16.47
CA GLN A 188 -2.05 15.33 16.58
C GLN A 188 -1.53 15.50 18.03
N GLU A 189 -1.86 16.60 18.71
CA GLU A 189 -1.28 16.90 20.06
C GLU A 189 -1.80 15.87 21.05
N GLU A 190 -3.10 15.54 21.00
CA GLU A 190 -3.72 14.51 21.88
C GLU A 190 -3.10 13.14 21.59
N ALA A 191 -2.99 12.76 20.32
CA ALA A 191 -2.42 11.45 19.89
C ALA A 191 -1.01 11.30 20.44
N ARG A 192 -0.17 12.34 20.35
CA ARG A 192 1.22 12.34 20.91
C ARG A 192 1.19 12.06 22.42
N ARG A 193 0.30 12.73 23.15
CA ARG A 193 0.15 12.56 24.63
C ARG A 193 -0.35 11.14 24.94
N LEU A 194 -1.52 10.77 24.41
CA LEU A 194 -2.20 9.50 24.75
C LEU A 194 -1.32 8.32 24.38
N GLU A 195 -0.49 8.44 23.33
CA GLU A 195 0.41 7.36 22.85
C GLU A 195 1.39 6.95 23.97
N LYS A 196 1.62 7.84 24.94
CA LYS A 196 2.60 7.65 26.03
C LYS A 196 2.02 6.71 27.09
N THR A 197 0.69 6.54 27.09
CA THR A 197 -0.01 5.66 28.06
C THR A 197 -0.72 4.56 27.26
N ARG A 198 -1.19 3.53 27.94
CA ARG A 198 -1.81 2.36 27.30
C ARG A 198 -3.00 2.80 26.48
N TRP A 199 -3.11 2.31 25.25
CA TRP A 199 -4.25 2.61 24.34
C TRP A 199 -4.53 1.34 23.52
N ALA A 200 -5.77 1.21 23.11
CA ALA A 200 -6.30 0.07 22.33
C ALA A 200 -7.27 0.64 21.29
N ILE A 201 -7.49 -0.09 20.20
CA ILE A 201 -8.64 0.07 19.28
C ILE A 201 -9.60 -1.10 19.53
N ILE A 202 -10.86 -0.80 19.86
CA ILE A 202 -11.90 -1.84 20.10
C ILE A 202 -13.09 -1.53 19.20
N ASN A 203 -13.53 -2.50 18.41
CA ASN A 203 -14.78 -2.44 17.63
C ASN A 203 -15.92 -2.98 18.48
N VAL A 204 -17.07 -2.30 18.44
CA VAL A 204 -18.35 -2.70 19.07
C VAL A 204 -19.34 -3.07 17.97
N TRP A 205 -19.63 -4.37 17.88
CA TRP A 205 -20.45 -4.98 16.81
C TRP A 205 -21.82 -5.32 17.39
N ARG A 206 -22.89 -4.81 16.76
CA ARG A 206 -24.28 -5.02 17.24
C ARG A 206 -25.12 -5.32 16.02
N PRO A 207 -25.90 -6.41 16.05
CA PRO A 207 -26.86 -6.69 14.98
C PRO A 207 -28.11 -5.80 15.11
N VAL A 208 -28.74 -5.49 13.97
CA VAL A 208 -29.97 -4.66 13.89
C VAL A 208 -31.15 -5.43 14.49
N ARG A 209 -31.17 -6.74 14.27
CA ARG A 209 -32.20 -7.67 14.78
C ARG A 209 -31.55 -9.06 14.90
N LYS A 210 -32.23 -9.97 15.57
CA LYS A 210 -31.72 -11.32 15.88
C LYS A 210 -30.99 -11.88 14.66
N VAL A 211 -29.79 -12.40 14.84
CA VAL A 211 -28.96 -12.95 13.73
C VAL A 211 -29.41 -14.39 13.44
N THR A 212 -29.96 -14.60 12.24
CA THR A 212 -30.37 -15.90 11.70
C THR A 212 -29.64 -16.20 10.37
N ASN A 213 -28.75 -15.33 9.90
CA ASN A 213 -27.85 -15.70 8.79
C ASN A 213 -26.56 -14.93 8.95
N GLU A 214 -25.50 -15.41 8.30
CA GLU A 214 -24.13 -14.83 8.19
C GLU A 214 -23.69 -14.19 9.50
N PRO A 215 -23.55 -14.97 10.58
CA PRO A 215 -23.03 -14.47 11.84
C PRO A 215 -21.56 -14.04 11.76
N LEU A 216 -21.06 -13.36 12.78
CA LEU A 216 -19.65 -12.92 12.85
C LEU A 216 -18.83 -13.84 13.75
N ALA A 217 -17.71 -14.33 13.24
CA ALA A 217 -16.78 -15.21 13.97
C ALA A 217 -15.56 -14.40 14.41
N VAL A 218 -15.04 -14.73 15.58
CA VAL A 218 -13.88 -14.02 16.20
C VAL A 218 -12.92 -15.13 16.63
N CYS A 219 -11.64 -14.86 16.43
CA CYS A 219 -10.54 -15.86 16.57
C CYS A 219 -9.75 -15.49 17.83
N ASP A 220 -9.61 -16.45 18.74
CA ASP A 220 -8.76 -16.31 19.96
C ASP A 220 -7.42 -15.72 19.55
N ALA A 221 -7.12 -14.49 19.99
CA ALA A 221 -5.86 -13.77 19.74
C ALA A 221 -4.66 -14.70 19.95
N ARG A 222 -4.72 -15.57 20.96
CA ARG A 222 -3.59 -16.47 21.38
C ARG A 222 -3.41 -17.62 20.37
N SER A 223 -4.42 -17.96 19.56
CA SER A 223 -4.35 -19.11 18.63
C SER A 223 -3.72 -18.76 17.28
N VAL A 224 -3.41 -17.48 17.06
CA VAL A 224 -2.66 -17.00 15.86
C VAL A 224 -1.31 -16.40 16.31
N ARG A 225 -0.23 -16.71 15.59
CA ARG A 225 1.17 -16.27 15.89
C ARG A 225 1.50 -15.02 15.06
N GLU A 226 2.47 -14.21 15.53
CA GLU A 226 2.94 -12.97 14.88
C GLU A 226 3.34 -13.28 13.44
N ASP A 227 4.00 -14.42 13.19
CA ASP A 227 4.52 -14.80 11.84
C ASP A 227 3.36 -15.18 10.90
N GLU A 228 2.12 -15.32 11.36
CA GLU A 228 0.95 -15.62 10.49
C GLU A 228 0.27 -14.30 10.09
N LEU A 229 0.78 -13.15 10.54
CA LEU A 229 0.16 -11.82 10.33
C LEU A 229 0.92 -11.07 9.23
N PHE A 230 0.20 -10.51 8.23
CA PHE A 230 0.80 -9.87 7.03
C PHE A 230 0.14 -8.51 6.82
N ASN A 231 0.97 -7.47 6.81
CA ASN A 231 0.62 -6.04 6.66
C ASN A 231 0.05 -5.86 5.25
N THR A 232 -1.19 -5.39 5.15
CA THR A 232 -1.99 -5.42 3.91
C THR A 232 -2.73 -4.09 3.77
N LEU A 233 -2.53 -3.41 2.66
CA LEU A 233 -3.24 -2.16 2.34
C LEU A 233 -4.72 -2.48 2.10
N HIS A 234 -5.59 -1.80 2.84
CA HIS A 234 -7.05 -1.74 2.60
C HIS A 234 -7.38 -0.37 2.01
N LEU A 235 -7.98 -0.35 0.82
CA LEU A 235 -8.32 0.89 0.07
C LEU A 235 -9.82 0.87 -0.27
N VAL A 236 -10.55 1.95 0.00
CA VAL A 236 -12.01 2.09 -0.26
C VAL A 236 -12.19 3.30 -1.17
N PRO A 237 -12.69 3.09 -2.42
CA PRO A 237 -12.74 4.17 -3.41
C PRO A 237 -13.95 5.12 -3.29
N MSE A 238 -14.18 5.63 -2.08
CA MSE A 238 -15.20 6.63 -1.79
C MSE A 238 -14.90 7.90 -2.57
O MSE A 238 -13.73 8.31 -2.67
CB MSE A 238 -15.14 7.03 -0.31
CG MSE A 238 -15.26 5.89 0.69
SE MSE A 238 -17.14 5.40 0.76
CE MSE A 238 -18.10 6.96 1.50
N ARG A 239 -15.95 8.54 -3.12
CA ARG A 239 -15.82 9.85 -3.73
C ARG A 239 -14.80 9.78 -4.87
N TRP A 240 -14.54 8.61 -5.42
CA TRP A 240 -13.77 8.50 -6.68
C TRP A 240 -14.54 9.28 -7.73
N PRO A 241 -13.95 10.18 -8.56
CA PRO A 241 -12.51 10.40 -8.63
C PRO A 241 -11.95 11.65 -7.93
N ASP A 242 -12.75 12.29 -7.08
CA ASP A 242 -12.43 13.59 -6.43
C ASP A 242 -11.47 13.39 -5.27
N ALA A 243 -11.41 12.18 -4.71
CA ALA A 243 -10.52 11.80 -3.58
C ALA A 243 -9.77 10.53 -3.93
N ALA A 244 -8.51 10.43 -3.50
CA ALA A 244 -7.80 9.15 -3.41
C ALA A 244 -8.63 8.21 -2.52
N PRO A 245 -8.69 6.90 -2.85
CA PRO A 245 -9.24 5.91 -1.92
C PRO A 245 -8.76 6.10 -0.47
N GLN A 246 -9.64 5.84 0.48
CA GLN A 246 -9.32 5.89 1.92
C GLN A 246 -8.37 4.73 2.20
N GLU A 247 -7.25 5.02 2.90
CA GLU A 247 -6.16 4.05 3.15
C GLU A 247 -6.17 3.59 4.61
N ASN A 248 -6.09 2.28 4.82
CA ASN A 248 -5.84 1.64 6.12
C ASN A 248 -4.81 0.51 5.93
N GLN A 249 -4.14 0.12 7.02
CA GLN A 249 -3.17 -1.00 7.00
C GLN A 249 -3.72 -2.10 7.92
N MSE A 250 -4.29 -3.17 7.36
CA MSE A 250 -4.89 -4.19 8.17
C MSE A 250 -3.94 -5.37 8.25
O MSE A 250 -2.84 -5.33 7.71
CB MSE A 250 -6.30 -4.50 7.64
CG MSE A 250 -6.37 -5.32 6.37
SE MSE A 250 -8.28 -5.39 5.93
CE MSE A 250 -9.24 -4.08 6.98
N TRP A 251 -4.32 -6.37 9.05
CA TRP A 251 -3.59 -7.63 9.09
C TRP A 251 -4.39 -8.57 8.23
N ALA A 252 -3.77 -9.20 7.23
CA ALA A 252 -4.26 -10.44 6.58
C ALA A 252 -3.67 -11.62 7.37
N VAL A 253 -4.23 -12.82 7.27
CA VAL A 253 -3.76 -13.96 8.12
C VAL A 253 -3.45 -15.16 7.23
N ALA A 254 -2.31 -15.84 7.48
CA ALA A 254 -1.90 -17.07 6.77
C ALA A 254 -2.90 -18.19 7.09
N PRO A 255 -3.18 -19.12 6.15
CA PRO A 255 -4.14 -20.19 6.42
C PRO A 255 -3.62 -21.15 7.48
N PRO A 256 -4.51 -21.71 8.32
CA PRO A 256 -4.10 -22.74 9.28
C PRO A 256 -3.88 -24.08 8.56
N LYS A 257 -3.27 -25.02 9.25
CA LYS A 257 -2.94 -26.35 8.67
C LYS A 257 -3.99 -27.38 9.10
N THR A 258 -4.91 -26.95 9.97
CA THR A 258 -5.86 -27.80 10.73
C THR A 258 -7.16 -27.00 10.93
N PRO A 259 -8.35 -27.64 10.95
CA PRO A 259 -9.59 -26.91 11.19
C PRO A 259 -9.65 -26.20 12.56
N THR A 260 -8.85 -26.64 13.56
CA THR A 260 -8.96 -26.26 15.01
C THR A 260 -7.69 -25.55 15.51
N GLN A 261 -6.72 -25.28 14.65
CA GLN A 261 -5.46 -24.59 15.04
C GLN A 261 -5.80 -23.14 15.37
N HIS A 262 -6.55 -22.46 14.51
CA HIS A 262 -7.16 -21.14 14.84
C HIS A 262 -8.41 -21.44 15.65
N LYS A 263 -8.53 -20.87 16.87
CA LYS A 263 -9.69 -21.06 17.78
C LYS A 263 -10.79 -20.05 17.44
N TRP A 264 -11.75 -20.49 16.63
CA TRP A 264 -12.88 -19.66 16.15
C TRP A 264 -14.09 -19.80 17.07
N HIS A 265 -14.83 -18.69 17.24
CA HIS A 265 -15.94 -18.54 18.20
C HIS A 265 -16.98 -17.59 17.65
N TYR A 266 -18.25 -17.90 17.89
CA TYR A 266 -19.39 -16.97 17.63
C TYR A 266 -20.44 -17.26 18.70
N VAL A 267 -21.47 -16.40 18.77
CA VAL A 267 -22.67 -16.63 19.61
C VAL A 267 -23.91 -16.62 18.72
N SER A 268 -24.68 -17.71 18.70
CA SER A 268 -25.89 -17.85 17.86
C SER A 268 -27.00 -16.90 18.35
N GLY A 269 -27.86 -16.44 17.44
CA GLY A 269 -29.08 -15.70 17.82
C GLY A 269 -28.80 -14.40 18.57
N MSE A 270 -27.64 -13.80 18.29
CA MSE A 270 -27.27 -12.52 18.88
C MSE A 270 -28.30 -11.48 18.45
O MSE A 270 -28.66 -11.43 17.27
CB MSE A 270 -25.89 -12.10 18.37
CG MSE A 270 -24.83 -11.92 19.41
SE MSE A 270 -23.16 -11.16 18.59
CE MSE A 270 -23.31 -9.34 19.34
N THR A 271 -28.74 -10.64 19.41
CA THR A 271 -29.82 -9.68 19.16
C THR A 271 -29.29 -8.25 19.30
N GLU A 272 -30.17 -7.28 19.05
CA GLU A 272 -29.88 -5.82 19.12
C GLU A 272 -29.65 -5.46 20.59
N ASP A 273 -30.00 -6.34 21.51
CA ASP A 273 -29.78 -6.09 22.96
C ASP A 273 -28.42 -6.67 23.37
N GLU A 274 -27.58 -7.06 22.40
CA GLU A 274 -26.22 -7.60 22.67
C GLU A 274 -25.16 -6.90 21.82
N ALA A 275 -23.93 -6.87 22.33
CA ALA A 275 -22.77 -6.27 21.67
C ALA A 275 -21.58 -7.22 21.83
N LEU A 276 -20.79 -7.31 20.76
CA LEU A 276 -19.52 -8.05 20.68
C LEU A 276 -18.43 -7.00 20.59
N LEU A 277 -17.56 -6.96 21.58
CA LEU A 277 -16.40 -6.05 21.67
C LEU A 277 -15.21 -6.84 21.11
N ILE A 278 -14.56 -6.31 20.08
CA ILE A 278 -13.41 -6.97 19.38
C ILE A 278 -12.21 -6.04 19.46
N LYS A 279 -11.14 -6.49 20.13
CA LYS A 279 -9.86 -5.75 20.15
C LYS A 279 -9.12 -5.92 18.81
N MSE A 280 -9.07 -4.84 18.03
CA MSE A 280 -8.24 -4.74 16.84
C MSE A 280 -6.75 -4.49 17.19
O MSE A 280 -5.83 -4.90 16.46
CB MSE A 280 -8.76 -3.56 16.01
CG MSE A 280 -10.13 -3.75 15.44
SE MSE A 280 -10.50 -5.59 14.82
CE MSE A 280 -12.45 -5.47 14.51
N PHE A 281 -6.50 -3.77 18.29
CA PHE A 281 -5.15 -3.41 18.62
C PHE A 281 -5.03 -3.12 20.11
N ASP A 282 -3.89 -3.44 20.74
CA ASP A 282 -3.58 -3.00 22.13
C ASP A 282 -2.09 -2.66 22.20
N SER A 283 -1.72 -1.55 22.86
CA SER A 283 -0.30 -1.10 22.96
C SER A 283 0.46 -2.02 23.93
N LYS A 284 -0.27 -2.72 24.81
CA LYS A 284 0.33 -3.56 25.85
C LYS A 284 0.99 -4.73 25.12
N LYS A 285 2.26 -5.02 25.44
CA LYS A 285 3.08 -6.07 24.79
C LYS A 285 3.30 -7.28 25.71
N ASP A 286 2.70 -7.32 26.91
CA ASP A 286 2.71 -8.53 27.77
C ASP A 286 1.70 -9.53 27.18
N GLY A 287 1.19 -10.46 28.00
CA GLY A 287 0.23 -11.51 27.58
C GLY A 287 -1.04 -10.97 26.92
N THR A 288 -1.57 -9.83 27.39
CA THR A 288 -2.83 -9.20 26.90
C THR A 288 -3.02 -9.46 25.40
N ALA A 289 -4.20 -9.96 25.03
CA ALA A 289 -4.68 -10.06 23.65
C ALA A 289 -4.50 -8.70 22.96
N ARG A 290 -3.83 -8.69 21.81
CA ARG A 290 -3.38 -7.46 21.10
C ARG A 290 -4.19 -7.25 19.81
N ARG A 291 -4.79 -8.30 19.24
CA ARG A 291 -5.43 -8.22 17.89
C ARG A 291 -6.21 -9.50 17.58
N VAL A 292 -7.45 -9.35 17.13
CA VAL A 292 -8.36 -10.52 16.96
C VAL A 292 -8.74 -10.64 15.48
N PRO A 293 -8.27 -11.71 14.81
CA PRO A 293 -8.75 -12.04 13.46
C PRO A 293 -10.24 -12.32 13.54
N HIS A 294 -11.04 -11.68 12.70
CA HIS A 294 -12.52 -11.84 12.63
C HIS A 294 -12.92 -12.08 11.17
N SER A 295 -14.09 -12.69 10.97
CA SER A 295 -14.68 -13.01 9.64
C SER A 295 -16.17 -13.30 9.80
N SER A 296 -16.98 -12.82 8.86
CA SER A 296 -18.37 -13.30 8.71
C SER A 296 -18.31 -14.74 8.19
N PHE A 297 -19.38 -15.53 8.34
CA PHE A 297 -19.45 -16.84 7.64
C PHE A 297 -20.90 -17.26 7.42
N PRO A 298 -21.20 -17.96 6.29
CA PRO A 298 -22.51 -18.55 6.09
C PRO A 298 -22.56 -19.87 6.86
N THR A 299 -23.74 -20.24 7.35
CA THR A 299 -24.06 -21.55 7.93
C THR A 299 -25.12 -22.22 7.04
N PRO A 300 -25.18 -23.56 7.03
CA PRO A 300 -26.23 -24.24 6.26
C PRO A 300 -27.66 -24.00 6.83
N ASP A 301 -27.78 -23.49 8.05
CA ASP A 301 -29.10 -23.24 8.68
C ASP A 301 -29.53 -21.78 8.45
N ASP A 302 -28.81 -21.02 7.62
CA ASP A 302 -29.09 -19.58 7.40
C ASP A 302 -30.51 -19.43 6.83
N PHE A 303 -31.34 -18.55 7.40
CA PHE A 303 -32.69 -18.24 6.87
C PHE A 303 -33.01 -16.76 7.12
N GLY A 304 -34.05 -16.25 6.45
CA GLY A 304 -34.72 -14.98 6.82
C GLY A 304 -34.19 -13.76 6.07
N GLU A 305 -34.57 -12.57 6.50
CA GLU A 305 -34.06 -11.28 5.94
C GLU A 305 -32.54 -11.23 6.14
N PRO A 306 -31.76 -10.68 5.17
CA PRO A 306 -30.32 -10.50 5.34
C PRO A 306 -29.92 -9.96 6.72
N ARG A 307 -28.94 -10.56 7.35
CA ARG A 307 -28.38 -9.97 8.59
C ARG A 307 -28.04 -8.49 8.31
N ALA A 308 -28.24 -7.62 9.32
CA ALA A 308 -27.73 -6.24 9.33
C ALA A 308 -27.06 -5.99 10.66
N SER A 309 -26.03 -5.18 10.63
CA SER A 309 -25.19 -4.84 11.79
C SER A 309 -24.57 -3.45 11.62
N THR A 310 -24.10 -2.90 12.72
CA THR A 310 -23.16 -1.78 12.70
C THR A 310 -21.96 -2.24 13.52
N GLU A 311 -20.77 -1.76 13.17
CA GLU A 311 -19.47 -1.92 13.90
C GLU A 311 -18.99 -0.50 14.19
N THR A 312 -18.69 -0.15 15.43
CA THR A 312 -18.23 1.23 15.71
C THR A 312 -16.81 1.15 16.25
N ARG A 313 -15.91 1.83 15.55
CA ARG A 313 -14.46 1.88 15.84
C ARG A 313 -14.25 2.88 16.97
N CYS A 314 -13.68 2.41 18.09
CA CYS A 314 -13.40 3.20 19.32
C CYS A 314 -11.91 3.14 19.69
N PHE A 315 -11.36 4.26 20.14
CA PHE A 315 -10.05 4.31 20.83
C PHE A 315 -10.34 4.27 22.32
N VAL A 316 -9.59 3.42 23.01
CA VAL A 316 -9.71 3.25 24.47
C VAL A 316 -8.35 3.63 25.04
N PHE A 317 -8.35 4.41 26.11
CA PHE A 317 -7.15 4.97 26.78
C PHE A 317 -7.19 4.64 28.26
N TRP A 318 -6.09 4.10 28.79
CA TRP A 318 -5.81 4.00 30.24
C TRP A 318 -4.62 4.92 30.55
N GLU A 319 -4.89 6.18 30.90
CA GLU A 319 -3.88 7.26 31.07
C GLU A 319 -3.10 7.03 32.37
N ASP A 320 -3.56 6.07 33.17
CA ASP A 320 -2.89 5.69 34.43
C ASP A 320 -2.19 4.34 34.24
N GLN A 321 -1.66 4.06 33.06
CA GLN A 321 -0.97 2.78 32.78
C GLN A 321 0.14 2.96 31.73
N GLU A 322 1.26 2.22 31.87
CA GLU A 322 2.40 2.23 30.91
C GLU A 322 1.91 1.76 29.54
N ALA A 323 2.42 2.33 28.46
CA ALA A 323 1.86 2.16 27.09
C ALA A 323 1.54 0.68 26.75
N LEU B 32 22.74 27.45 -22.18
CA LEU B 32 22.59 26.64 -20.93
C LEU B 32 23.78 26.88 -20.00
N PRO B 33 23.59 27.34 -18.75
CA PRO B 33 24.69 27.51 -17.81
C PRO B 33 25.22 26.16 -17.28
N GLU B 34 26.48 26.09 -16.88
CA GLU B 34 27.05 24.82 -16.36
C GLU B 34 27.62 25.05 -14.96
N LYS B 35 26.75 25.25 -13.97
CA LYS B 35 27.14 25.51 -12.56
C LYS B 35 27.72 24.24 -11.91
N PRO B 36 28.49 24.36 -10.82
CA PRO B 36 29.12 23.21 -10.18
C PRO B 36 28.10 22.41 -9.35
N TYR B 37 27.03 23.06 -8.93
CA TYR B 37 26.00 22.48 -8.04
C TYR B 37 24.78 23.41 -8.07
N TYR B 38 23.62 22.88 -7.67
CA TYR B 38 22.41 23.61 -7.22
C TYR B 38 21.97 23.07 -5.86
N ASP B 39 21.36 23.94 -5.05
CA ASP B 39 20.64 23.65 -3.79
C ASP B 39 19.16 23.72 -4.15
N VAL B 40 18.50 22.58 -4.16
CA VAL B 40 17.09 22.44 -4.62
C VAL B 40 16.31 21.70 -3.54
N GLU B 41 15.04 22.06 -3.39
CA GLU B 41 14.09 21.37 -2.51
C GLU B 41 13.70 20.03 -3.15
N PHE B 42 13.86 18.94 -2.41
CA PHE B 42 13.47 17.56 -2.82
C PHE B 42 12.32 17.10 -1.92
N ASN B 43 11.50 16.24 -2.52
CA ASN B 43 10.27 15.66 -1.94
C ASN B 43 10.55 14.24 -1.46
N TYR B 44 10.67 14.06 -0.16
CA TYR B 44 10.99 12.78 0.52
C TYR B 44 9.77 12.28 1.28
N ARG B 45 9.88 11.14 1.97
CA ARG B 45 8.68 10.46 2.55
C ARG B 45 8.14 11.24 3.74
N LEU B 46 6.84 11.56 3.71
CA LEU B 46 6.05 12.07 4.88
C LEU B 46 5.51 10.86 5.62
N ASP B 47 5.97 10.70 6.87
CA ASP B 47 5.50 9.61 7.75
C ASP B 47 3.99 9.68 7.85
N PRO B 48 3.29 8.53 7.77
CA PRO B 48 1.85 8.47 8.03
C PRO B 48 1.39 9.13 9.33
N ARG B 49 2.23 9.08 10.37
CA ARG B 49 1.99 9.81 11.64
C ARG B 49 1.89 11.33 11.41
N ASP B 50 2.51 11.86 10.35
CA ASP B 50 2.59 13.32 10.09
C ASP B 50 1.63 13.68 8.96
N GLY B 51 0.74 12.77 8.57
CA GLY B 51 -0.27 13.00 7.51
C GLY B 51 0.08 12.33 6.18
N GLY B 52 1.16 11.55 6.11
CA GLY B 52 1.61 10.99 4.82
C GLY B 52 0.69 9.88 4.34
N ASP B 53 0.62 9.68 3.01
CA ASP B 53 -0.11 8.59 2.33
C ASP B 53 0.83 7.40 2.14
N GLU B 54 0.24 6.22 1.95
CA GLU B 54 0.96 4.94 1.74
C GLU B 54 0.95 4.56 0.24
N VAL B 55 0.25 5.31 -0.64
CA VAL B 55 0.02 4.93 -2.06
C VAL B 55 0.48 6.07 -2.98
N ILE B 56 1.35 5.73 -3.92
CA ILE B 56 1.81 6.64 -5.01
C ILE B 56 0.89 6.39 -6.20
N TRP B 57 0.05 7.38 -6.55
CA TRP B 57 -0.97 7.23 -7.63
C TRP B 57 -0.35 7.66 -8.95
N GLY B 58 0.46 6.79 -9.52
CA GLY B 58 1.15 7.07 -10.79
C GLY B 58 0.19 7.65 -11.81
N GLY B 59 0.62 8.71 -12.50
CA GLY B 59 -0.01 9.28 -13.71
C GLY B 59 -1.23 10.11 -13.39
N THR B 60 -1.50 10.38 -12.10
CA THR B 60 -2.71 11.12 -11.69
C THR B 60 -2.32 12.55 -11.34
N VAL B 61 -3.33 13.40 -11.30
CA VAL B 61 -3.30 14.81 -10.83
C VAL B 61 -3.08 14.80 -9.31
N GLY B 62 -3.70 13.86 -8.61
CA GLY B 62 -3.56 13.72 -7.15
C GLY B 62 -2.10 13.62 -6.73
N LEU B 63 -1.29 12.85 -7.45
CA LEU B 63 0.15 12.65 -7.19
C LEU B 63 0.86 14.01 -7.22
N MSE B 64 0.37 14.89 -8.09
CA MSE B 64 0.95 16.22 -8.20
C MSE B 64 0.63 17.09 -6.99
O MSE B 64 1.35 18.05 -6.76
CB MSE B 64 0.44 16.89 -9.47
CG MSE B 64 0.78 16.08 -10.68
SE MSE B 64 0.42 17.13 -12.26
CE MSE B 64 1.99 16.68 -13.30
N ARG B 65 -0.44 16.76 -6.23
CA ARG B 65 -0.79 17.49 -5.03
C ARG B 65 -0.31 16.72 -3.78
N ARG B 66 0.49 15.68 -3.93
CA ARG B 66 0.82 14.76 -2.81
C ARG B 66 1.70 15.49 -1.78
N LYS B 67 1.56 15.14 -0.51
CA LYS B 67 2.31 15.78 0.62
C LYS B 67 3.63 15.02 0.84
N TYR B 68 4.72 15.74 1.14
CA TYR B 68 6.08 15.19 1.32
C TYR B 68 6.78 15.87 2.50
N GLU B 69 7.82 15.23 3.04
CA GLU B 69 8.88 15.92 3.82
C GLU B 69 9.82 16.59 2.82
N THR B 70 9.85 17.92 2.79
CA THR B 70 10.66 18.70 1.81
C THR B 70 12.01 18.87 2.49
N ARG B 71 13.11 18.67 1.75
CA ARG B 71 14.48 19.00 2.25
C ARG B 71 15.23 19.65 1.11
N THR B 72 16.05 20.66 1.43
CA THR B 72 17.05 21.19 0.47
C THR B 72 18.17 20.15 0.35
N VAL B 73 18.51 19.78 -0.88
CA VAL B 73 19.66 18.87 -1.14
C VAL B 73 20.62 19.58 -2.07
N ARG B 74 21.91 19.29 -1.93
CA ARG B 74 22.96 19.79 -2.86
C ARG B 74 23.13 18.74 -3.95
N ILE B 75 22.90 19.10 -5.22
CA ILE B 75 23.09 18.21 -6.40
C ILE B 75 24.36 18.70 -7.09
N ASN B 76 25.42 17.89 -7.00
CA ASN B 76 26.75 18.13 -7.60
C ASN B 76 26.65 17.86 -9.12
N ASN B 77 27.09 18.81 -9.95
CA ASN B 77 27.14 18.63 -11.43
C ASN B 77 28.35 17.78 -11.78
N GLU B 78 28.19 16.62 -12.42
CA GLU B 78 29.34 15.72 -12.71
C GLU B 78 29.72 15.81 -14.20
N ARG B 79 29.27 16.84 -14.91
CA ARG B 79 29.74 17.10 -16.30
C ARG B 79 31.27 17.25 -16.24
N GLY B 80 32.00 16.42 -16.99
CA GLY B 80 33.48 16.34 -17.02
C GLY B 80 34.05 15.39 -15.97
N ASN B 81 33.22 14.80 -15.12
CA ASN B 81 33.69 13.99 -13.96
C ASN B 81 33.02 12.59 -13.97
N GLU B 82 32.38 12.23 -15.08
CA GLU B 82 31.46 11.04 -15.20
C GLU B 82 32.22 9.73 -14.98
N HIS B 83 33.51 9.70 -15.28
CA HIS B 83 34.41 8.53 -15.11
C HIS B 83 34.57 8.15 -13.62
N ASN B 84 34.29 9.04 -12.67
CA ASN B 84 34.39 8.70 -11.23
C ASN B 84 33.08 8.08 -10.70
N PHE B 85 32.09 7.75 -11.55
CA PHE B 85 30.82 7.08 -11.13
C PHE B 85 30.63 5.77 -11.88
N ASN B 86 30.34 4.68 -11.16
CA ASN B 86 30.05 3.37 -11.78
C ASN B 86 28.89 2.64 -11.07
N LEU B 87 28.36 1.59 -11.71
CA LEU B 87 27.19 0.80 -11.23
C LEU B 87 27.51 0.01 -9.95
N ASP B 88 28.78 -0.31 -9.69
CA ASP B 88 29.20 -1.17 -8.55
C ASP B 88 29.23 -0.33 -7.26
N THR B 89 29.86 0.84 -7.30
CA THR B 89 30.08 1.71 -6.11
C THR B 89 28.87 2.59 -5.84
N HIS B 90 28.39 3.33 -6.85
CA HIS B 90 27.34 4.38 -6.68
C HIS B 90 25.96 3.84 -7.10
N GLY B 91 25.95 2.94 -8.08
CA GLY B 91 24.72 2.32 -8.63
C GLY B 91 24.27 3.03 -9.90
N PHE B 92 25.07 3.95 -10.39
CA PHE B 92 24.70 4.70 -11.61
C PHE B 92 25.97 5.01 -12.41
N ALA B 93 25.77 5.26 -13.71
CA ALA B 93 26.85 5.77 -14.59
C ALA B 93 26.26 6.57 -15.74
N TRP B 94 27.04 7.53 -16.25
CA TRP B 94 26.77 8.24 -17.52
C TRP B 94 27.72 7.71 -18.59
N VAL B 95 27.19 7.34 -19.74
CA VAL B 95 27.99 6.75 -20.86
C VAL B 95 27.77 7.59 -22.12
N LYS B 96 28.79 7.65 -22.98
CA LYS B 96 28.63 8.09 -24.39
C LYS B 96 28.03 6.91 -25.14
N HIS B 97 26.84 7.10 -25.67
CA HIS B 97 26.07 6.04 -26.35
C HIS B 97 25.04 6.70 -27.26
N LYS B 98 25.26 6.63 -28.57
CA LYS B 98 24.30 7.13 -29.59
C LYS B 98 23.30 6.01 -29.88
N THR B 99 22.20 6.35 -30.55
CA THR B 99 21.17 5.43 -31.08
C THR B 99 20.89 5.90 -32.50
N SER B 100 20.47 4.97 -33.36
CA SER B 100 19.91 5.26 -34.72
C SER B 100 18.58 5.98 -34.61
N VAL B 101 17.92 5.98 -33.45
CA VAL B 101 16.53 6.51 -33.30
C VAL B 101 16.58 8.03 -33.05
N THR B 102 15.65 8.78 -33.65
CA THR B 102 15.40 10.24 -33.44
C THR B 102 13.94 10.48 -33.04
N GLU B 103 13.03 9.61 -33.49
CA GLU B 103 11.58 9.58 -33.18
C GLU B 103 11.34 8.63 -32.00
N PHE B 104 11.24 9.17 -30.78
CA PHE B 104 11.21 8.38 -29.51
C PHE B 104 9.79 8.18 -28.95
N ALA B 105 8.73 8.52 -29.69
CA ALA B 105 7.34 8.56 -29.18
C ALA B 105 6.44 7.53 -29.87
N ASP B 106 6.76 7.04 -31.07
CA ASP B 106 5.98 5.92 -31.67
C ASP B 106 6.37 4.64 -30.90
N TYR B 107 5.63 4.37 -29.83
CA TYR B 107 5.98 3.36 -28.80
C TYR B 107 6.19 2.00 -29.49
N LEU B 108 5.42 1.69 -30.53
CA LEU B 108 5.48 0.38 -31.22
C LEU B 108 6.64 0.38 -32.22
N ALA B 109 6.95 1.52 -32.83
CA ALA B 109 8.14 1.64 -33.70
C ALA B 109 9.40 1.42 -32.87
N ILE B 110 9.45 2.02 -31.69
CA ILE B 110 10.60 1.85 -30.75
C ILE B 110 10.76 0.35 -30.41
N ARG B 111 9.68 -0.32 -30.04
CA ARG B 111 9.72 -1.76 -29.59
C ARG B 111 10.14 -2.66 -30.75
N GLN B 112 9.80 -2.34 -32.01
CA GLN B 112 10.08 -3.21 -33.20
C GLN B 112 11.40 -2.83 -33.90
N GLY B 113 11.90 -1.61 -33.72
CA GLY B 113 13.14 -1.18 -34.39
C GLY B 113 14.39 -1.66 -33.64
N PRO B 114 15.56 -1.05 -33.91
CA PRO B 114 16.81 -1.45 -33.26
C PRO B 114 17.04 -1.00 -31.80
N TYR B 115 16.21 -0.12 -31.21
CA TYR B 115 16.53 0.56 -29.92
C TYR B 115 16.82 -0.46 -28.81
N TYR B 116 15.97 -1.46 -28.56
CA TYR B 116 16.14 -2.45 -27.46
C TYR B 116 17.45 -3.22 -27.68
N GLY B 117 17.72 -3.59 -28.93
CA GLY B 117 18.94 -4.28 -29.37
C GLY B 117 20.18 -3.48 -29.00
N GLU B 118 20.19 -2.19 -29.34
CA GLU B 118 21.25 -1.22 -28.98
C GLU B 118 21.48 -1.23 -27.47
N VAL B 119 20.43 -1.02 -26.69
CA VAL B 119 20.53 -0.88 -25.21
C VAL B 119 20.99 -2.22 -24.63
N ALA B 120 20.47 -3.33 -25.11
CA ALA B 120 20.87 -4.69 -24.67
C ALA B 120 22.39 -4.84 -24.81
N GLU B 121 22.93 -4.57 -26.01
CA GLU B 121 24.37 -4.74 -26.35
C GLU B 121 25.17 -3.85 -25.40
N MSE B 122 24.74 -2.61 -25.22
CA MSE B 122 25.55 -1.69 -24.44
C MSE B 122 25.60 -2.15 -22.98
O MSE B 122 26.68 -2.24 -22.36
CB MSE B 122 25.05 -0.25 -24.63
CG MSE B 122 25.82 0.77 -23.82
SE MSE B 122 24.94 1.00 -22.07
CE MSE B 122 23.13 1.64 -22.62
N LEU B 123 24.43 -2.45 -22.42
CA LEU B 123 24.32 -2.81 -21.03
C LEU B 123 25.10 -4.09 -20.72
N LYS B 124 25.15 -5.03 -21.66
CA LYS B 124 25.83 -6.34 -21.46
C LYS B 124 27.34 -6.11 -21.35
N ARG B 125 27.83 -5.17 -22.15
CA ARG B 125 29.27 -4.84 -22.25
C ARG B 125 29.68 -4.05 -20.99
N VAL B 126 28.85 -3.11 -20.55
CA VAL B 126 29.18 -2.24 -19.37
C VAL B 126 29.14 -3.09 -18.09
N THR B 127 28.25 -4.09 -18.00
CA THR B 127 28.00 -4.85 -16.74
C THR B 127 28.70 -6.21 -16.71
N GLY B 128 29.26 -6.70 -17.83
CA GLY B 128 29.86 -8.05 -17.90
C GLY B 128 28.81 -9.14 -17.86
N ALA B 129 27.53 -8.78 -18.00
CA ALA B 129 26.38 -9.71 -17.90
C ALA B 129 26.45 -10.88 -18.88
N THR B 130 25.89 -12.02 -18.46
CA THR B 130 25.80 -13.20 -19.35
C THR B 130 24.55 -13.06 -20.21
N LYS B 131 23.62 -12.20 -19.79
CA LYS B 131 22.32 -12.02 -20.48
C LYS B 131 21.62 -10.72 -20.04
N VAL B 132 21.00 -10.02 -21.01
CA VAL B 132 20.18 -8.80 -20.79
C VAL B 132 18.82 -9.00 -21.46
N HIS B 133 17.73 -8.86 -20.72
CA HIS B 133 16.36 -8.77 -21.28
C HIS B 133 15.91 -7.32 -21.11
N VAL B 134 15.59 -6.67 -22.22
CA VAL B 134 14.94 -5.33 -22.26
C VAL B 134 13.43 -5.55 -22.28
N ILE B 135 12.76 -5.07 -21.25
CA ILE B 135 11.32 -5.31 -21.03
C ILE B 135 10.52 -4.28 -21.83
N GLY B 136 10.86 -3.00 -21.70
CA GLY B 136 10.10 -1.93 -22.36
C GLY B 136 10.52 -0.59 -21.85
N HIS B 137 9.78 0.45 -22.22
CA HIS B 137 10.21 1.86 -22.02
C HIS B 137 9.00 2.75 -21.79
N LEU B 138 9.23 3.81 -21.02
CA LEU B 138 8.27 4.90 -20.76
C LEU B 138 8.84 6.18 -21.38
N HIS B 139 8.02 6.85 -22.18
CA HIS B 139 8.37 8.16 -22.75
C HIS B 139 7.72 9.26 -21.91
N ARG B 140 8.49 10.27 -21.56
CA ARG B 140 8.00 11.43 -20.77
C ARG B 140 8.21 12.70 -21.58
N SER B 141 7.29 13.65 -21.49
CA SER B 141 7.40 14.92 -22.25
C SER B 141 6.54 16.04 -21.64
N LEU B 142 5.77 15.78 -20.60
CA LEU B 142 4.91 16.85 -20.03
C LEU B 142 5.70 17.85 -19.17
N ASN B 143 5.43 19.14 -19.34
CA ASN B 143 5.95 20.20 -18.42
C ASN B 143 5.19 20.15 -17.08
N TYR B 144 5.89 20.25 -15.95
CA TYR B 144 5.29 20.19 -14.59
C TYR B 144 4.37 21.40 -14.35
N ASN B 145 4.87 22.61 -14.60
CA ASN B 145 4.12 23.89 -14.41
C ASN B 145 2.91 23.92 -15.35
N ASP B 146 3.09 23.57 -16.63
CA ASP B 146 1.99 23.60 -17.63
C ASP B 146 0.91 22.57 -17.20
N THR B 147 1.33 21.42 -16.71
CA THR B 147 0.39 20.34 -16.33
C THR B 147 -0.34 20.71 -15.03
N THR B 148 0.26 21.55 -14.17
CA THR B 148 -0.30 21.96 -12.85
C THR B 148 -1.48 22.90 -13.09
N GLU B 149 -1.27 23.90 -13.94
CA GLU B 149 -2.33 24.85 -14.37
C GLU B 149 -3.36 24.08 -15.20
N GLU B 150 -2.94 23.30 -16.20
CA GLU B 150 -3.87 22.55 -17.09
C GLU B 150 -4.85 21.66 -16.29
N GLU B 151 -4.37 21.01 -15.22
CA GLU B 151 -5.18 20.01 -14.48
C GLU B 151 -5.66 20.61 -13.14
N LYS B 152 -5.57 21.95 -12.99
CA LYS B 152 -5.83 22.74 -11.74
C LYS B 152 -7.13 22.33 -11.06
N ASN B 153 -8.20 22.09 -11.84
CA ASN B 153 -9.60 21.85 -11.42
C ASN B 153 -9.93 20.36 -11.53
N ALA B 154 -9.00 19.53 -11.98
CA ALA B 154 -9.28 18.11 -12.31
C ALA B 154 -9.44 17.35 -11.00
N PRO B 155 -10.37 16.37 -10.95
CA PRO B 155 -10.42 15.47 -9.80
C PRO B 155 -9.06 14.77 -9.55
N ASP B 156 -8.72 14.51 -8.29
CA ASP B 156 -7.50 13.78 -7.87
C ASP B 156 -7.15 12.59 -8.78
N MSE B 157 -8.13 11.72 -9.10
CA MSE B 157 -7.81 10.45 -9.76
C MSE B 157 -7.88 10.55 -11.28
O MSE B 157 -7.65 9.55 -11.97
CB MSE B 157 -8.73 9.33 -9.26
CG MSE B 157 -8.57 9.01 -7.78
SE MSE B 157 -6.77 8.23 -7.44
CE MSE B 157 -5.84 9.80 -6.68
N THR B 158 -8.13 11.74 -11.82
CA THR B 158 -7.96 11.97 -13.25
C THR B 158 -6.51 11.69 -13.64
N MSE B 159 -6.31 10.99 -14.77
CA MSE B 159 -4.99 10.76 -15.32
C MSE B 159 -4.64 11.90 -16.28
O MSE B 159 -5.52 12.44 -16.92
CB MSE B 159 -4.93 9.39 -15.99
CG MSE B 159 -4.90 8.27 -14.97
SE MSE B 159 -4.42 6.60 -15.83
CE MSE B 159 -2.47 6.59 -15.94
N THR B 160 -3.36 12.28 -16.30
CA THR B 160 -2.86 13.37 -17.13
C THR B 160 -2.59 12.82 -18.53
N LYS B 161 -2.71 13.69 -19.53
CA LYS B 161 -2.63 13.33 -20.98
C LYS B 161 -1.16 13.22 -21.40
N GLY B 162 -0.51 12.09 -21.10
CA GLY B 162 0.96 11.89 -21.21
C GLY B 162 1.59 11.74 -19.83
N GLN B 163 2.91 11.90 -19.68
CA GLN B 163 3.56 11.74 -18.36
C GLN B 163 4.37 12.99 -17.97
N THR B 164 4.23 13.45 -16.73
CA THR B 164 5.04 14.59 -16.20
C THR B 164 6.34 14.04 -15.62
N PRO B 165 7.21 14.87 -15.03
CA PRO B 165 8.48 14.40 -14.51
C PRO B 165 8.32 13.86 -13.08
N GLY B 166 9.19 12.94 -12.69
CA GLY B 166 9.16 12.31 -11.36
C GLY B 166 9.82 13.19 -10.32
N ARG B 167 9.03 14.09 -9.74
CA ARG B 167 9.54 15.11 -8.80
C ARG B 167 9.29 14.66 -7.35
N PHE B 168 9.83 13.49 -7.00
CA PHE B 168 9.86 12.92 -5.63
C PHE B 168 10.93 11.83 -5.57
N VAL B 169 11.57 11.70 -4.42
CA VAL B 169 12.74 10.79 -4.28
C VAL B 169 12.15 9.37 -4.21
N HIS B 170 12.59 8.47 -5.09
CA HIS B 170 12.07 7.09 -5.09
C HIS B 170 13.11 6.16 -5.66
N VAL B 171 12.89 4.87 -5.45
CA VAL B 171 13.49 3.78 -6.27
C VAL B 171 12.31 3.03 -6.91
N ASP B 172 12.41 2.71 -8.20
CA ASP B 172 11.26 2.25 -9.02
C ASP B 172 10.79 0.88 -8.51
N GLN B 173 11.69 0.06 -7.99
CA GLN B 173 11.34 -1.24 -7.36
C GLN B 173 12.01 -1.31 -5.99
N SER B 174 11.22 -1.67 -4.98
CA SER B 174 11.57 -2.39 -3.73
C SER B 174 12.34 -3.66 -4.04
N TYR B 175 12.97 -4.27 -3.04
CA TYR B 175 13.46 -5.67 -3.15
C TYR B 175 12.28 -6.59 -3.51
N GLN B 176 11.14 -6.45 -2.80
CA GLN B 176 9.93 -7.26 -3.07
C GLN B 176 9.42 -6.92 -4.47
N GLY B 177 9.34 -5.62 -4.79
CA GLY B 177 8.79 -5.17 -6.07
C GLY B 177 9.59 -5.67 -7.26
N ALA B 178 10.89 -5.80 -7.08
CA ALA B 178 11.82 -6.32 -8.10
C ALA B 178 11.51 -7.79 -8.39
N VAL B 179 11.34 -8.59 -7.34
CA VAL B 179 10.99 -10.02 -7.48
C VAL B 179 9.66 -10.14 -8.22
N ARG B 180 8.65 -9.38 -7.82
CA ARG B 180 7.32 -9.37 -8.46
C ARG B 180 7.46 -9.02 -9.95
N ARG B 181 8.28 -8.02 -10.28
CA ARG B 181 8.49 -7.62 -11.70
C ARG B 181 9.19 -8.73 -12.49
N LEU B 182 10.14 -9.43 -11.90
CA LEU B 182 10.83 -10.54 -12.60
C LEU B 182 9.80 -11.57 -13.06
N TYR B 183 8.91 -11.97 -12.17
CA TYR B 183 7.90 -13.01 -12.46
C TYR B 183 6.80 -12.47 -13.38
N LEU B 184 6.66 -11.14 -13.49
CA LEU B 184 5.63 -10.55 -14.36
C LEU B 184 6.21 -10.23 -15.74
N ASP B 185 7.47 -9.81 -15.80
CA ASP B 185 8.12 -9.39 -17.06
C ASP B 185 8.80 -10.56 -17.78
N LEU B 186 9.00 -11.68 -17.11
CA LEU B 186 9.57 -12.85 -17.82
C LEU B 186 8.59 -14.01 -17.75
N PRO B 187 8.75 -15.02 -18.64
CA PRO B 187 8.07 -16.30 -18.50
C PRO B 187 8.43 -16.94 -17.15
N GLN B 188 7.45 -17.53 -16.46
CA GLN B 188 7.55 -17.99 -15.05
C GLN B 188 8.73 -18.96 -14.91
N GLU B 189 8.93 -19.83 -15.89
CA GLU B 189 9.98 -20.88 -15.83
C GLU B 189 11.35 -20.20 -15.93
N GLU B 190 11.50 -19.25 -16.86
CA GLU B 190 12.75 -18.48 -17.05
C GLU B 190 13.09 -17.65 -15.80
N ALA B 191 12.10 -17.00 -15.18
CA ALA B 191 12.30 -16.28 -13.90
C ALA B 191 12.93 -17.22 -12.88
N ARG B 192 12.28 -18.36 -12.58
CA ARG B 192 12.73 -19.38 -11.58
C ARG B 192 14.21 -19.67 -11.79
N ARG B 193 14.59 -20.07 -13.00
CA ARG B 193 16.00 -20.42 -13.33
C ARG B 193 16.92 -19.24 -12.99
N LEU B 194 16.65 -18.03 -13.53
CA LEU B 194 17.59 -16.87 -13.50
C LEU B 194 17.65 -16.23 -12.10
N GLU B 195 16.60 -16.41 -11.30
CA GLU B 195 16.56 -16.02 -9.86
C GLU B 195 17.57 -16.85 -9.04
N LYS B 196 18.03 -18.00 -9.54
CA LYS B 196 19.02 -18.87 -8.82
C LYS B 196 20.42 -18.28 -8.94
N THR B 197 20.63 -17.32 -9.86
CA THR B 197 21.92 -16.61 -10.05
C THR B 197 21.69 -15.09 -9.93
N ARG B 198 22.76 -14.31 -9.98
CA ARG B 198 22.73 -12.86 -9.69
C ARG B 198 21.94 -12.18 -10.80
N TRP B 199 21.05 -11.28 -10.40
CA TRP B 199 20.25 -10.48 -11.36
C TRP B 199 20.10 -9.04 -10.85
N ALA B 200 19.82 -8.13 -11.78
CA ALA B 200 19.65 -6.69 -11.49
C ALA B 200 18.51 -6.12 -12.32
N ILE B 201 17.90 -5.06 -11.81
CA ILE B 201 17.03 -4.17 -12.63
C ILE B 201 17.81 -2.86 -12.81
N ILE B 202 18.13 -2.52 -14.05
CA ILE B 202 18.82 -1.24 -14.43
C ILE B 202 17.95 -0.52 -15.46
N ASN B 203 17.65 0.76 -15.22
CA ASN B 203 16.93 1.64 -16.16
C ASN B 203 17.93 2.43 -16.99
N VAL B 204 17.65 2.56 -18.28
CA VAL B 204 18.49 3.37 -19.18
C VAL B 204 17.71 4.61 -19.59
N TRP B 205 18.13 5.75 -19.07
CA TRP B 205 17.44 7.06 -19.26
C TRP B 205 18.22 7.85 -20.30
N ARG B 206 17.57 8.25 -21.39
CA ARG B 206 18.15 9.11 -22.46
C ARG B 206 17.21 10.25 -22.78
N PRO B 207 17.72 11.49 -22.90
CA PRO B 207 16.87 12.57 -23.36
C PRO B 207 16.60 12.46 -24.87
N VAL B 208 15.44 12.94 -25.29
CA VAL B 208 15.08 13.13 -26.73
C VAL B 208 16.03 14.15 -27.37
N ARG B 209 16.42 15.20 -26.62
CA ARG B 209 17.33 16.28 -27.05
C ARG B 209 17.95 16.88 -25.77
N LYS B 210 18.93 17.77 -25.93
CA LYS B 210 19.72 18.41 -24.86
C LYS B 210 18.77 18.90 -23.75
N VAL B 211 19.05 18.47 -22.52
CA VAL B 211 18.23 18.79 -21.31
C VAL B 211 18.55 20.24 -20.97
N THR B 212 17.56 21.14 -21.14
CA THR B 212 17.70 22.57 -20.73
C THR B 212 16.70 22.91 -19.62
N ASN B 213 15.83 21.98 -19.23
CA ASN B 213 14.96 22.11 -18.04
C ASN B 213 14.70 20.72 -17.42
N GLU B 214 14.46 20.70 -16.12
CA GLU B 214 13.94 19.52 -15.37
C GLU B 214 14.88 18.33 -15.55
N PRO B 215 16.17 18.45 -15.18
CA PRO B 215 17.09 17.31 -15.25
C PRO B 215 16.80 16.22 -14.21
N LEU B 216 17.47 15.07 -14.36
CA LEU B 216 17.29 13.87 -13.50
C LEU B 216 18.50 13.72 -12.58
N ALA B 217 18.27 13.79 -11.25
CA ALA B 217 19.31 13.55 -10.23
C ALA B 217 19.24 12.11 -9.77
N VAL B 218 20.41 11.59 -9.40
CA VAL B 218 20.63 10.25 -8.82
C VAL B 218 21.42 10.40 -7.52
N CYS B 219 21.15 9.52 -6.56
CA CYS B 219 21.67 9.61 -5.19
C CYS B 219 22.59 8.41 -4.94
N ASP B 220 23.86 8.67 -4.64
CA ASP B 220 24.86 7.62 -4.25
C ASP B 220 24.17 6.58 -3.36
N ALA B 221 24.09 5.32 -3.78
CA ALA B 221 23.50 4.20 -3.00
C ALA B 221 24.07 4.07 -1.59
N ARG B 222 25.36 4.38 -1.38
CA ARG B 222 26.04 4.16 -0.07
C ARG B 222 25.64 5.28 0.90
N SER B 223 25.00 6.36 0.45
CA SER B 223 24.77 7.56 1.29
C SER B 223 23.36 7.50 1.89
N VAL B 224 22.63 6.42 1.63
CA VAL B 224 21.25 6.13 2.13
C VAL B 224 21.28 4.77 2.83
N ARG B 225 20.74 4.67 4.04
CA ARG B 225 20.82 3.44 4.88
C ARG B 225 19.57 2.62 4.58
N GLU B 226 19.62 1.32 4.87
CA GLU B 226 18.49 0.37 4.70
C GLU B 226 17.27 0.89 5.47
N ASP B 227 17.45 1.43 6.69
CA ASP B 227 16.31 1.91 7.52
C ASP B 227 15.70 3.20 6.94
N GLU B 228 16.30 3.83 5.92
CA GLU B 228 15.66 5.00 5.28
C GLU B 228 14.73 4.57 4.14
N LEU B 229 14.58 3.28 3.88
CA LEU B 229 13.77 2.80 2.74
C LEU B 229 12.44 2.23 3.21
N PHE B 230 11.36 2.61 2.55
CA PHE B 230 9.99 2.20 2.91
C PHE B 230 9.31 1.59 1.68
N ASN B 231 8.88 0.32 1.78
CA ASN B 231 8.15 -0.38 0.70
C ASN B 231 6.87 0.41 0.47
N THR B 232 6.64 0.85 -0.75
CA THR B 232 5.50 1.74 -1.02
C THR B 232 4.75 1.29 -2.26
N LEU B 233 3.45 1.16 -2.10
CA LEU B 233 2.57 0.75 -3.21
C LEU B 233 2.49 1.87 -4.24
N HIS B 234 2.64 1.49 -5.48
CA HIS B 234 2.52 2.37 -6.65
C HIS B 234 1.37 1.81 -7.47
N LEU B 235 0.32 2.60 -7.70
CA LEU B 235 -0.87 2.13 -8.43
C LEU B 235 -1.17 3.09 -9.59
N VAL B 236 -1.55 2.52 -10.72
CA VAL B 236 -1.93 3.35 -11.89
C VAL B 236 -3.33 2.92 -12.31
N PRO B 237 -4.34 3.78 -12.25
CA PRO B 237 -5.70 3.38 -12.58
C PRO B 237 -6.07 3.18 -14.06
N MSE B 238 -5.29 2.40 -14.82
CA MSE B 238 -5.58 2.12 -16.24
C MSE B 238 -6.84 1.26 -16.30
O MSE B 238 -6.92 0.29 -15.56
CB MSE B 238 -4.45 1.32 -16.86
CG MSE B 238 -3.08 1.92 -16.68
SE MSE B 238 -2.73 3.38 -17.89
CE MSE B 238 -3.99 3.50 -19.34
N ARG B 239 -7.80 1.65 -17.13
CA ARG B 239 -9.06 0.90 -17.32
C ARG B 239 -9.91 0.84 -16.05
N TRP B 240 -9.76 1.80 -15.16
CA TRP B 240 -10.73 1.98 -14.04
C TRP B 240 -12.09 2.31 -14.65
N PRO B 241 -13.22 1.73 -14.18
CA PRO B 241 -13.27 0.77 -13.06
C PRO B 241 -13.20 -0.74 -13.38
N ASP B 242 -12.85 -1.10 -14.62
CA ASP B 242 -13.00 -2.48 -15.17
C ASP B 242 -11.91 -3.39 -14.59
N ALA B 243 -10.77 -2.82 -14.17
CA ALA B 243 -9.60 -3.57 -13.66
C ALA B 243 -9.08 -2.88 -12.39
N ALA B 244 -8.62 -3.64 -11.41
CA ALA B 244 -7.88 -3.09 -10.25
C ALA B 244 -6.69 -2.33 -10.81
N PRO B 245 -6.25 -1.20 -10.23
CA PRO B 245 -5.01 -0.56 -10.68
C PRO B 245 -3.83 -1.54 -10.75
N GLN B 246 -2.98 -1.28 -11.73
CA GLN B 246 -1.69 -1.98 -11.94
C GLN B 246 -0.82 -1.73 -10.69
N GLU B 247 -0.53 -2.79 -9.92
CA GLU B 247 0.21 -2.72 -8.63
C GLU B 247 1.71 -2.91 -8.82
N ASN B 248 2.53 -1.94 -8.39
CA ASN B 248 3.99 -2.14 -8.22
C ASN B 248 4.43 -1.74 -6.79
N GLN B 249 5.62 -2.15 -6.40
CA GLN B 249 6.19 -1.79 -5.07
C GLN B 249 7.52 -1.09 -5.32
N MSE B 250 7.61 0.15 -4.83
CA MSE B 250 8.80 0.93 -5.03
C MSE B 250 9.34 1.31 -3.66
O MSE B 250 8.71 0.98 -2.67
CB MSE B 250 8.51 2.06 -6.03
CG MSE B 250 7.78 3.28 -5.56
SE MSE B 250 7.59 4.40 -7.27
CE MSE B 250 7.81 3.52 -8.99
N TRP B 251 10.54 1.90 -3.60
CA TRP B 251 11.03 2.42 -2.33
C TRP B 251 10.69 3.90 -2.23
N ALA B 252 10.05 4.33 -1.15
CA ALA B 252 10.01 5.74 -0.69
C ALA B 252 11.21 5.90 0.22
N VAL B 253 11.66 7.13 0.47
CA VAL B 253 12.95 7.38 1.19
C VAL B 253 12.70 8.43 2.26
N ALA B 254 13.12 8.12 3.49
CA ALA B 254 13.10 9.03 4.67
C ALA B 254 13.89 10.30 4.33
N PRO B 255 13.44 11.47 4.83
CA PRO B 255 14.13 12.74 4.59
C PRO B 255 15.50 12.80 5.26
N PRO B 256 16.51 13.39 4.60
CA PRO B 256 17.81 13.64 5.25
C PRO B 256 17.72 14.83 6.21
N LYS B 257 18.65 14.91 7.16
CA LYS B 257 18.73 15.99 8.16
C LYS B 257 19.38 17.22 7.51
N THR B 258 20.11 17.00 6.42
CA THR B 258 21.18 17.91 5.89
C THR B 258 21.17 17.79 4.37
N PRO B 259 21.51 18.86 3.62
CA PRO B 259 21.52 18.79 2.16
C PRO B 259 22.60 17.87 1.56
N THR B 260 23.61 17.46 2.36
CA THR B 260 24.74 16.59 1.91
C THR B 260 24.83 15.27 2.70
N GLN B 261 23.86 14.89 3.51
CA GLN B 261 23.81 13.53 4.11
C GLN B 261 23.59 12.53 2.97
N HIS B 262 22.64 12.81 2.09
CA HIS B 262 22.44 12.06 0.82
C HIS B 262 23.29 12.75 -0.24
N LYS B 263 24.04 11.99 -1.03
CA LYS B 263 25.00 12.52 -2.01
C LYS B 263 24.35 12.53 -3.39
N TRP B 264 23.96 13.70 -3.83
CA TRP B 264 23.12 13.84 -5.02
C TRP B 264 23.98 14.34 -6.19
N HIS B 265 23.83 13.71 -7.34
CA HIS B 265 24.61 13.99 -8.56
C HIS B 265 23.69 14.16 -9.78
N TYR B 266 24.05 15.05 -10.69
CA TYR B 266 23.49 15.02 -12.07
C TYR B 266 24.61 15.41 -13.03
N VAL B 267 24.34 15.29 -14.33
CA VAL B 267 25.20 15.80 -15.44
C VAL B 267 24.36 16.80 -16.24
N SER B 268 24.84 18.04 -16.38
CA SER B 268 24.10 19.14 -17.07
C SER B 268 24.20 18.94 -18.58
N GLY B 269 23.17 19.36 -19.30
CA GLY B 269 23.11 19.37 -20.76
C GLY B 269 23.29 17.99 -21.37
N MSE B 270 22.75 16.97 -20.72
CA MSE B 270 22.76 15.63 -21.27
C MSE B 270 22.04 15.65 -22.63
O MSE B 270 20.97 16.26 -22.73
CB MSE B 270 22.03 14.65 -20.38
CG MSE B 270 22.84 14.07 -19.28
SE MSE B 270 21.90 12.46 -18.68
CE MSE B 270 21.82 11.27 -20.24
N THR B 271 22.62 14.97 -23.63
CA THR B 271 22.02 14.91 -24.96
C THR B 271 21.50 13.49 -25.30
N GLU B 272 20.90 13.33 -26.48
CA GLU B 272 20.44 12.01 -26.99
C GLU B 272 21.65 11.15 -27.39
N ASP B 273 22.86 11.69 -27.34
CA ASP B 273 24.11 10.90 -27.57
C ASP B 273 24.58 10.27 -26.27
N GLU B 274 23.80 10.40 -25.19
CA GLU B 274 24.26 10.02 -23.82
C GLU B 274 23.20 9.18 -23.13
N ALA B 275 23.60 8.36 -22.16
CA ALA B 275 22.63 7.58 -21.37
C ALA B 275 23.08 7.55 -19.91
N LEU B 276 22.08 7.57 -19.04
CA LEU B 276 22.17 7.45 -17.56
C LEU B 276 21.64 6.08 -17.13
N LEU B 277 22.54 5.21 -16.71
CA LEU B 277 22.22 3.84 -16.23
C LEU B 277 21.98 3.94 -14.72
N ILE B 278 20.78 3.61 -14.30
CA ILE B 278 20.35 3.71 -12.88
C ILE B 278 19.94 2.31 -12.39
N LYS B 279 20.72 1.72 -11.49
CA LYS B 279 20.41 0.41 -10.88
C LYS B 279 19.33 0.60 -9.82
N MSE B 280 18.14 0.03 -10.10
CA MSE B 280 17.00 -0.02 -9.20
C MSE B 280 17.09 -1.18 -8.21
O MSE B 280 16.61 -1.08 -7.07
CB MSE B 280 15.71 -0.16 -10.02
CG MSE B 280 15.52 0.90 -11.07
SE MSE B 280 15.60 2.69 -10.28
CE MSE B 280 15.27 3.65 -11.95
N PHE B 281 17.71 -2.29 -8.63
CA PHE B 281 17.81 -3.47 -7.78
C PHE B 281 18.99 -4.34 -8.21
N ASP B 282 19.66 -4.95 -7.23
CA ASP B 282 20.70 -5.99 -7.43
C ASP B 282 20.43 -7.07 -6.39
N SER B 283 20.36 -8.35 -6.78
CA SER B 283 20.17 -9.51 -5.85
C SER B 283 21.40 -9.66 -4.97
N LYS B 284 22.57 -9.16 -5.40
CA LYS B 284 23.83 -9.38 -4.66
C LYS B 284 23.78 -8.58 -3.35
N LYS B 285 23.71 -9.29 -2.23
CA LYS B 285 23.44 -8.71 -0.90
C LYS B 285 24.69 -7.98 -0.38
N ASP B 286 25.85 -8.18 -0.99
CA ASP B 286 27.07 -7.54 -0.43
C ASP B 286 28.08 -7.26 -1.53
N GLY B 287 28.72 -6.09 -1.47
CA GLY B 287 29.79 -5.71 -2.41
C GLY B 287 29.35 -4.89 -3.63
N THR B 288 28.06 -4.56 -3.80
CA THR B 288 27.59 -3.61 -4.85
C THR B 288 26.46 -2.71 -4.33
N ALA B 289 26.36 -1.51 -4.91
CA ALA B 289 25.15 -0.66 -4.92
C ALA B 289 23.94 -1.56 -5.28
N ARG B 290 22.87 -1.56 -4.48
CA ARG B 290 21.72 -2.45 -4.73
C ARG B 290 20.49 -1.65 -5.19
N ARG B 291 20.50 -0.32 -5.04
CA ARG B 291 19.30 0.52 -5.28
C ARG B 291 19.71 2.00 -5.24
N VAL B 292 19.16 2.78 -6.17
CA VAL B 292 19.54 4.21 -6.38
C VAL B 292 18.29 5.09 -6.24
N PRO B 293 18.13 5.87 -5.15
CA PRO B 293 17.11 6.90 -5.10
C PRO B 293 17.37 7.90 -6.23
N HIS B 294 16.32 8.32 -6.92
CA HIS B 294 16.41 9.38 -7.96
C HIS B 294 15.17 10.24 -7.93
N SER B 295 15.22 11.39 -8.60
CA SER B 295 14.16 12.41 -8.66
C SER B 295 14.50 13.34 -9.81
N SER B 296 13.51 13.77 -10.58
CA SER B 296 13.70 14.96 -11.43
C SER B 296 13.77 16.19 -10.49
N PHE B 297 14.33 17.29 -10.95
CA PHE B 297 14.27 18.57 -10.20
C PHE B 297 14.23 19.71 -11.22
N PRO B 298 13.60 20.84 -10.85
CA PRO B 298 13.78 22.10 -11.59
C PRO B 298 15.03 22.80 -11.06
N THR B 299 15.65 23.60 -11.91
CA THR B 299 16.72 24.58 -11.58
C THR B 299 16.22 25.96 -11.99
N PRO B 300 16.81 27.05 -11.48
CA PRO B 300 16.36 28.39 -11.86
C PRO B 300 16.93 28.82 -13.21
N ASP B 301 17.82 28.04 -13.81
CA ASP B 301 18.32 28.26 -15.19
C ASP B 301 17.47 27.51 -16.23
N ASP B 302 16.28 27.01 -15.85
CA ASP B 302 15.44 26.19 -16.76
C ASP B 302 14.89 27.07 -17.87
N PHE B 303 15.06 26.67 -19.13
CA PHE B 303 14.52 27.39 -20.33
C PHE B 303 14.21 26.37 -21.43
N GLY B 304 13.52 26.85 -22.47
CA GLY B 304 13.23 26.09 -23.69
C GLY B 304 12.03 25.16 -23.57
N GLU B 305 11.75 24.38 -24.62
CA GLU B 305 10.55 23.51 -24.66
C GLU B 305 10.74 22.39 -23.64
N PRO B 306 9.62 21.84 -23.12
CA PRO B 306 9.68 20.84 -22.04
C PRO B 306 10.66 19.70 -22.36
N ARG B 307 11.49 19.31 -21.41
CA ARG B 307 12.36 18.10 -21.51
C ARG B 307 11.50 16.90 -21.92
N ALA B 308 12.06 16.05 -22.75
CA ALA B 308 11.46 14.77 -23.14
C ALA B 308 12.55 13.70 -23.02
N SER B 309 12.18 12.47 -22.65
CA SER B 309 13.15 11.39 -22.36
C SER B 309 12.49 10.03 -22.60
N THR B 310 13.28 8.98 -22.79
CA THR B 310 12.86 7.56 -22.64
C THR B 310 13.58 6.95 -21.43
N GLU B 311 12.89 6.15 -20.62
CA GLU B 311 13.56 5.28 -19.61
C GLU B 311 13.20 3.84 -19.96
N THR B 312 14.18 3.00 -20.25
CA THR B 312 13.89 1.61 -20.67
C THR B 312 14.36 0.72 -19.53
N ARG B 313 13.43 -0.13 -19.09
CA ARG B 313 13.56 -1.01 -17.92
C ARG B 313 14.26 -2.27 -18.41
N CYS B 314 15.40 -2.62 -17.84
CA CYS B 314 16.22 -3.79 -18.26
C CYS B 314 16.51 -4.72 -17.07
N PHE B 315 16.52 -6.01 -17.35
CA PHE B 315 16.98 -7.09 -16.44
C PHE B 315 18.31 -7.62 -16.93
N VAL B 316 19.28 -7.63 -16.02
CA VAL B 316 20.69 -8.02 -16.26
C VAL B 316 20.93 -9.22 -15.35
N PHE B 317 21.54 -10.26 -15.91
CA PHE B 317 21.82 -11.56 -15.25
C PHE B 317 23.30 -11.91 -15.40
N TRP B 318 23.91 -12.40 -14.32
CA TRP B 318 25.25 -13.03 -14.31
C TRP B 318 25.06 -14.49 -13.85
N GLU B 319 24.83 -15.40 -14.79
CA GLU B 319 24.46 -16.82 -14.55
C GLU B 319 25.67 -17.61 -14.00
N ASP B 320 26.85 -17.00 -13.83
CA ASP B 320 28.04 -17.59 -13.14
C ASP B 320 28.26 -16.95 -11.75
N GLN B 321 27.23 -16.32 -11.15
CA GLN B 321 27.32 -15.63 -9.83
C GLN B 321 26.11 -16.05 -8.94
N GLU B 322 26.30 -16.03 -7.61
CA GLU B 322 25.45 -16.66 -6.53
C GLU B 322 25.85 -18.14 -6.40
CU CU C . -13.42 -6.13 10.36
C1 GOL D . -13.65 -4.75 5.87
O1 GOL D . -13.98 -5.97 6.52
C2 GOL D . -14.68 -4.42 4.81
O2 GOL D . -15.14 -5.64 4.19
C3 GOL D . -14.18 -3.41 3.77
O3 GOL D . -14.79 -2.12 3.98
CU CU E . 11.88 6.47 -11.33
#